data_5NQ8
#
_entry.id   5NQ8
#
_cell.length_a   184.410
_cell.length_b   184.410
_cell.length_c   184.410
_cell.angle_alpha   90.00
_cell.angle_beta   90.00
_cell.angle_gamma   90.00
#
_symmetry.space_group_name_H-M   'P 43 3 2'
#
loop_
_entity.id
_entity.type
_entity.pdbx_description
1 polymer Laccase
2 branched alpha-D-mannopyranose-(1-4)-2-acetamido-2-deoxy-beta-D-glucopyranose-(1-4)-2-acetamido-2-deoxy-beta-D-glucopyranose
3 branched beta-D-mannopyranose-(1-4)-2-acetamido-2-deoxy-beta-D-glucopyranose-(1-4)-2-acetamido-2-deoxy-beta-D-glucopyranose
4 non-polymer 'COPPER (II) ION'
5 non-polymer 'PEROXIDE ION'
6 non-polymer 1-ETHOXY-2-(2-METHOXYETHOXY)ETHANE
7 non-polymer PHENOL
8 non-polymer 'SODIUM ION'
9 non-polymer 'MALONATE ION'
10 water water
#
_entity_poly.entity_id   1
_entity_poly.type   'polypeptide(L)'
_entity_poly.pdbx_seq_one_letter_code
;MSRFQSLLCFVLVSLAAVANAAIGPVADLTLTNAAVSPDGFSREAVVVNGVTPAPLISGQKGDRFQLNVIDNLTNHTMLK
TTSIHWHGFFQHGTNWADGPAFVNQCPIASGHSFLYDFQVPDQAGTFWYHSHLSTQYCDGLRGPFVVYDPNDPQASLYDI
DNDDTVITLADWYHVAAKLGPRFPPGSDATLINGLGRSPGTTAADLAVIKVTQGKRYRFRLVSLSCDPNHTFSIDGHTMT
IIEADSVNTQPLEVDSIQIFAAQRYSFVLDASQPVDNYWIRANPSFGNTGFAGGINSAILRYLGAPEIEPTTTQTTPTKP
LTEVDLHPLTPMAVPGRPEPGGVDKPLNMVFNFNGTNFFINNHSFVPPSVPVLLQILSGAQAAQDLVPEGSVYVLPSNSS
IEISFPATVNAPGAPHPFHLHGHTFAVVRSAGSSEYNYDNPIFRDVVSTGTPGDNVTIRFQTANPGPWFLHCHIDFHLDA
GFAVVMAEDTPDTTAANPVPQAWSDLCPIYDALDPSDL
;
_entity_poly.pdbx_strand_id   A
#
# COMPACT_ATOMS: atom_id res chain seq x y z
N ALA A 22 -9.17 -3.59 -18.09
CA ALA A 22 -8.47 -2.44 -17.47
C ALA A 22 -7.31 -1.97 -18.37
N ILE A 23 -6.82 -0.79 -18.07
CA ILE A 23 -5.63 -0.23 -18.76
C ILE A 23 -4.35 -0.90 -18.32
N GLY A 24 -3.34 -0.80 -19.16
CA GLY A 24 -2.08 -1.45 -18.94
C GLY A 24 -1.98 -2.71 -19.78
N PRO A 25 -0.78 -3.24 -20.00
CA PRO A 25 0.43 -2.80 -19.34
C PRO A 25 1.09 -1.55 -19.88
N VAL A 26 0.64 -1.02 -21.01
CA VAL A 26 1.16 0.20 -21.58
C VAL A 26 0.05 1.22 -21.53
N ALA A 27 0.24 2.32 -20.82
CA ALA A 27 -0.86 3.30 -20.69
C ALA A 27 -0.36 4.68 -20.32
N ASP A 28 -1.15 5.68 -20.68
CA ASP A 28 -1.00 7.06 -20.22
C ASP A 28 -1.86 7.24 -18.93
N LEU A 29 -1.29 7.89 -17.93
CA LEU A 29 -1.99 8.20 -16.70
C LEU A 29 -1.91 9.71 -16.60
N THR A 30 -3.02 10.37 -16.90
CA THR A 30 -3.05 11.80 -16.94
C THR A 30 -3.60 12.29 -15.63
N LEU A 31 -2.86 13.18 -15.01
CA LEU A 31 -3.18 13.70 -13.71
C LEU A 31 -3.75 15.09 -13.86
N THR A 32 -4.95 15.29 -13.30
CA THR A 32 -5.56 16.62 -13.26
C THR A 32 -6.22 16.81 -11.91
N ASN A 33 -6.68 18.05 -11.67
CA ASN A 33 -7.49 18.39 -10.53
C ASN A 33 -8.92 18.55 -11.01
N ALA A 34 -9.85 18.01 -10.23
CA ALA A 34 -11.28 18.09 -10.54
C ALA A 34 -12.08 17.96 -9.26
N ALA A 35 -13.32 18.44 -9.32
CA ALA A 35 -14.29 18.30 -8.21
C ALA A 35 -14.90 16.91 -8.28
N VAL A 36 -14.96 16.22 -7.14
CA VAL A 36 -15.54 14.87 -7.05
C VAL A 36 -16.47 14.80 -5.84
N SER A 37 -17.40 13.86 -5.87
CA SER A 37 -18.26 13.62 -4.73
C SER A 37 -18.52 12.13 -4.53
N PRO A 38 -17.46 11.42 -4.14
CA PRO A 38 -17.57 9.97 -3.94
C PRO A 38 -18.55 9.61 -2.81
N ASP A 39 -18.79 10.53 -1.88
CA ASP A 39 -19.72 10.31 -0.78
C ASP A 39 -20.84 11.36 -0.72
N GLY A 40 -21.14 11.96 -1.86
CA GLY A 40 -22.17 12.99 -1.94
C GLY A 40 -21.75 14.39 -1.54
N PHE A 41 -20.51 14.58 -1.13
CA PHE A 41 -19.99 15.87 -0.74
C PHE A 41 -18.97 16.27 -1.78
N SER A 42 -19.11 17.46 -2.36
CA SER A 42 -18.18 17.89 -3.38
C SER A 42 -16.91 18.51 -2.83
N ARG A 43 -15.76 18.03 -3.31
CA ARG A 43 -14.48 18.64 -3.03
C ARG A 43 -13.50 18.48 -4.20
N GLU A 44 -12.55 19.39 -4.25
CA GLU A 44 -11.52 19.31 -5.24
C GLU A 44 -10.52 18.18 -4.87
N ALA A 45 -10.08 17.42 -5.88
CA ALA A 45 -9.18 16.28 -5.68
C ALA A 45 -8.09 16.19 -6.76
N VAL A 46 -7.17 15.26 -6.55
CA VAL A 46 -6.18 14.87 -7.55
C VAL A 46 -6.77 13.63 -8.18
N VAL A 47 -7.03 13.67 -9.48
CA VAL A 47 -7.60 12.49 -10.18
C VAL A 47 -6.67 11.98 -11.28
N VAL A 48 -6.87 10.72 -11.62
CA VAL A 48 -6.10 10.00 -12.62
C VAL A 48 -7.04 9.57 -13.73
N ASN A 49 -6.77 10.03 -14.94
CA ASN A 49 -7.66 9.78 -16.08
C ASN A 49 -9.11 10.13 -15.69
N GLY A 50 -9.25 11.24 -14.98
CA GLY A 50 -10.57 11.73 -14.62
C GLY A 50 -11.21 11.23 -13.35
N VAL A 51 -10.64 10.22 -12.70
CA VAL A 51 -11.33 9.60 -11.58
C VAL A 51 -10.45 9.45 -10.31
N THR A 52 -11.12 9.36 -9.15
CA THR A 52 -10.51 8.87 -7.94
C THR A 52 -11.54 7.97 -7.21
N PRO A 53 -11.14 6.80 -6.70
CA PRO A 53 -9.81 6.23 -6.84
C PRO A 53 -9.33 6.09 -8.29
N ALA A 54 -8.03 6.11 -8.43
CA ALA A 54 -7.38 6.00 -9.72
C ALA A 54 -7.78 4.65 -10.38
N PRO A 55 -7.80 4.62 -11.70
CA PRO A 55 -8.32 3.39 -12.33
C PRO A 55 -7.39 2.18 -12.16
N LEU A 56 -8.02 1.02 -12.14
CA LEU A 56 -7.30 -0.24 -12.14
C LEU A 56 -6.32 -0.31 -13.32
N ILE A 57 -5.08 -0.65 -12.98
CA ILE A 57 -4.06 -1.00 -13.95
C ILE A 57 -3.88 -2.51 -13.83
N SER A 58 -3.76 -3.15 -14.99
CA SER A 58 -3.50 -4.59 -15.01
C SER A 58 -2.54 -5.02 -16.11
N GLY A 59 -1.98 -6.19 -15.87
CA GLY A 59 -1.27 -6.94 -16.89
C GLY A 59 -1.07 -8.32 -16.32
N GLN A 60 -0.03 -8.98 -16.79
CA GLN A 60 0.22 -10.34 -16.44
C GLN A 60 1.71 -10.61 -16.26
N LYS A 61 1.98 -11.71 -15.59
CA LYS A 61 3.33 -12.11 -15.23
C LYS A 61 4.18 -12.09 -16.50
N GLY A 62 5.31 -11.44 -16.41
CA GLY A 62 6.23 -11.33 -17.53
C GLY A 62 6.14 -10.01 -18.27
N ASP A 63 5.10 -9.22 -18.03
CA ASP A 63 4.89 -8.00 -18.82
C ASP A 63 5.93 -6.94 -18.55
N ARG A 64 6.16 -6.12 -19.57
CA ARG A 64 6.86 -4.87 -19.44
C ARG A 64 5.79 -3.79 -19.31
N PHE A 65 5.80 -3.06 -18.20
CA PHE A 65 4.88 -2.00 -17.98
C PHE A 65 5.50 -0.70 -18.41
N GLN A 66 4.78 0.08 -19.17
CA GLN A 66 5.22 1.39 -19.61
C GLN A 66 4.13 2.37 -19.28
N LEU A 67 4.28 3.02 -18.14
CA LEU A 67 3.22 3.83 -17.61
C LEU A 67 3.69 5.27 -17.68
N ASN A 68 3.10 6.00 -18.62
CA ASN A 68 3.50 7.37 -18.90
C ASN A 68 2.67 8.34 -18.08
N VAL A 69 3.28 8.97 -17.08
CA VAL A 69 2.57 9.81 -16.14
C VAL A 69 2.63 11.24 -16.67
N ILE A 70 1.47 11.81 -16.98
CA ILE A 70 1.41 13.11 -17.65
C ILE A 70 0.86 14.03 -16.59
N ASP A 71 1.69 14.90 -16.09
CA ASP A 71 1.28 15.76 -14.96
C ASP A 71 0.66 17.05 -15.49
N ASN A 72 -0.66 17.14 -15.46
CA ASN A 72 -1.41 18.36 -15.76
C ASN A 72 -2.07 18.97 -14.50
N LEU A 73 -1.44 18.81 -13.34
CA LEU A 73 -2.00 19.35 -12.10
C LEU A 73 -1.88 20.87 -12.04
N THR A 74 -2.92 21.54 -11.56
CA THR A 74 -2.95 23.01 -11.46
C THR A 74 -3.09 23.53 -10.05
N ASN A 75 -3.34 22.65 -9.10
CA ASN A 75 -3.66 23.08 -7.76
C ASN A 75 -2.47 22.89 -6.80
N HIS A 76 -1.89 24.01 -6.38
CA HIS A 76 -0.69 24.02 -5.53
C HIS A 76 -0.93 23.48 -4.12
N THR A 77 -2.14 23.65 -3.61
CA THR A 77 -2.48 23.18 -2.26
C THR A 77 -2.39 21.64 -2.16
N MET A 78 -2.68 20.96 -3.27
CA MET A 78 -2.63 19.48 -3.35
C MET A 78 -1.38 18.97 -4.08
N LEU A 79 -0.50 19.94 -4.37
CA LEU A 79 0.82 19.84 -5.06
C LEU A 79 0.67 19.60 -6.55
N LYS A 80 1.27 20.51 -7.32
CA LYS A 80 1.32 20.41 -8.78
C LYS A 80 2.39 19.43 -9.24
N THR A 81 3.36 19.17 -8.38
CA THR A 81 4.38 18.20 -8.63
C THR A 81 3.92 16.85 -8.10
N THR A 82 4.54 15.78 -8.58
CA THR A 82 4.13 14.46 -8.20
C THR A 82 5.18 13.41 -8.44
N SER A 83 4.95 12.23 -7.88
CA SER A 83 5.79 11.05 -8.08
C SER A 83 4.88 9.83 -7.82
N ILE A 84 5.02 8.77 -8.58
CA ILE A 84 4.16 7.60 -8.44
CA ILE A 84 4.16 7.60 -8.40
C ILE A 84 4.98 6.36 -8.06
N HIS A 85 4.54 5.66 -7.03
CA HIS A 85 5.09 4.41 -6.60
C HIS A 85 4.16 3.24 -6.93
N TRP A 86 4.76 2.13 -7.35
CA TRP A 86 4.04 0.94 -7.78
C TRP A 86 4.27 -0.05 -6.65
N HIS A 87 3.28 -0.14 -5.76
CA HIS A 87 3.42 -0.76 -4.46
C HIS A 87 3.51 -2.24 -4.55
N GLY A 88 4.66 -2.75 -4.10
CA GLY A 88 4.94 -4.18 -3.98
C GLY A 88 5.89 -4.77 -5.01
N PHE A 89 6.22 -4.00 -6.04
CA PHE A 89 7.08 -4.52 -7.11
C PHE A 89 8.56 -4.39 -6.70
N PHE A 90 9.35 -5.40 -7.05
CA PHE A 90 10.76 -5.43 -6.70
C PHE A 90 11.58 -4.38 -7.40
N GLN A 91 11.21 -4.03 -8.64
CA GLN A 91 11.91 -3.00 -9.41
C GLN A 91 13.45 -3.31 -9.56
N HIS A 92 13.76 -4.59 -9.72
CA HIS A 92 15.15 -5.05 -9.80
C HIS A 92 15.80 -4.44 -11.03
N GLY A 93 16.86 -3.66 -10.82
CA GLY A 93 17.54 -2.94 -11.88
C GLY A 93 16.82 -1.68 -12.43
N THR A 94 15.66 -1.35 -11.86
CA THR A 94 14.95 -0.14 -12.20
C THR A 94 14.60 0.61 -10.90
N ASN A 95 15.55 0.75 -9.98
CA ASN A 95 15.32 1.45 -8.73
C ASN A 95 14.83 2.86 -8.98
N TRP A 96 15.25 3.44 -10.13
CA TRP A 96 14.91 4.82 -10.54
C TRP A 96 13.43 5.06 -10.79
N ALA A 97 12.71 3.98 -11.03
CA ALA A 97 11.27 3.99 -11.27
C ALA A 97 10.41 3.68 -10.03
N ASP A 98 11.02 3.53 -8.84
CA ASP A 98 10.27 3.03 -7.68
C ASP A 98 9.30 4.10 -7.14
N GLY A 99 9.68 5.37 -7.29
CA GLY A 99 8.75 6.47 -7.06
C GLY A 99 8.95 7.39 -5.86
N PRO A 100 9.48 6.92 -4.71
CA PRO A 100 9.57 7.85 -3.59
C PRO A 100 10.35 9.13 -3.86
N ALA A 101 9.67 10.26 -3.68
CA ALA A 101 10.27 11.54 -3.91
C ALA A 101 11.46 11.77 -3.00
N PHE A 102 12.56 12.15 -3.61
CA PHE A 102 13.84 12.43 -2.95
C PHE A 102 14.58 11.23 -2.45
N VAL A 103 14.04 10.04 -2.69
CA VAL A 103 14.79 8.81 -2.47
C VAL A 103 15.17 8.20 -3.84
N ASN A 104 14.18 8.00 -4.71
CA ASN A 104 14.42 7.36 -6.00
C ASN A 104 14.36 8.30 -7.20
N GLN A 105 13.84 9.50 -7.01
CA GLN A 105 13.71 10.49 -8.10
C GLN A 105 13.38 11.86 -7.53
N CYS A 106 13.58 12.91 -8.33
CA CYS A 106 12.91 14.17 -8.04
C CYS A 106 11.50 14.08 -8.60
N PRO A 107 10.55 14.85 -8.02
CA PRO A 107 9.18 14.85 -8.52
C PRO A 107 9.08 15.35 -9.95
N ILE A 108 8.04 14.87 -10.62
CA ILE A 108 7.67 15.32 -11.94
C ILE A 108 6.96 16.66 -11.73
N ALA A 109 7.14 17.57 -12.69
CA ALA A 109 6.55 18.90 -12.67
C ALA A 109 5.33 19.00 -13.57
N SER A 110 4.41 19.88 -13.19
CA SER A 110 3.24 20.14 -13.99
C SER A 110 3.63 20.70 -15.37
N GLY A 111 2.99 20.20 -16.42
CA GLY A 111 3.31 20.51 -17.81
C GLY A 111 4.32 19.56 -18.40
N HIS A 112 4.75 18.57 -17.60
CA HIS A 112 5.74 17.61 -18.01
C HIS A 112 5.18 16.20 -17.85
N SER A 113 5.88 15.24 -18.46
CA SER A 113 5.59 13.84 -18.42
C SER A 113 6.81 13.08 -17.95
N PHE A 114 6.58 11.88 -17.43
CA PHE A 114 7.66 10.95 -17.14
C PHE A 114 7.21 9.51 -17.32
N LEU A 115 8.02 8.73 -18.03
CA LEU A 115 7.69 7.35 -18.34
C LEU A 115 8.34 6.39 -17.33
N TYR A 116 7.50 5.67 -16.59
CA TYR A 116 7.97 4.62 -15.72
C TYR A 116 7.96 3.34 -16.57
N ASP A 117 9.08 2.68 -16.71
CA ASP A 117 9.24 1.52 -17.64
C ASP A 117 9.95 0.44 -16.91
N PHE A 118 9.24 -0.63 -16.59
CA PHE A 118 9.79 -1.68 -15.76
C PHE A 118 9.14 -3.00 -16.10
N GLN A 119 9.75 -4.06 -15.64
CA GLN A 119 9.28 -5.40 -15.90
C GLN A 119 8.92 -6.11 -14.64
N VAL A 120 8.05 -7.11 -14.80
CA VAL A 120 7.63 -7.91 -13.67
C VAL A 120 7.79 -9.37 -14.12
N PRO A 121 9.04 -9.87 -14.20
CA PRO A 121 9.25 -11.22 -14.76
C PRO A 121 8.83 -12.34 -13.85
N ASP A 122 8.90 -12.08 -12.56
CA ASP A 122 8.91 -13.08 -11.48
C ASP A 122 7.90 -12.79 -10.34
N GLN A 123 6.94 -11.90 -10.54
CA GLN A 123 5.91 -11.66 -9.52
C GLN A 123 4.56 -11.70 -10.20
N ALA A 124 3.55 -12.07 -9.41
CA ALA A 124 2.16 -11.91 -9.79
C ALA A 124 1.38 -11.68 -8.51
N GLY A 125 0.21 -11.09 -8.65
CA GLY A 125 -0.63 -10.86 -7.52
C GLY A 125 -1.32 -9.52 -7.55
N THR A 126 -1.73 -9.11 -6.36
CA THR A 126 -2.50 -7.90 -6.12
C THR A 126 -1.60 -6.81 -5.53
N PHE A 127 -1.54 -5.68 -6.22
CA PHE A 127 -0.66 -4.57 -5.91
C PHE A 127 -1.52 -3.32 -5.92
N TRP A 128 -0.88 -2.16 -5.76
CA TRP A 128 -1.58 -0.91 -5.98
C TRP A 128 -0.58 0.15 -6.32
N TYR A 129 -1.07 1.32 -6.62
CA TYR A 129 -0.19 2.46 -6.97
C TYR A 129 -0.69 3.75 -6.40
N HIS A 130 0.23 4.63 -6.06
CA HIS A 130 -0.12 5.86 -5.36
C HIS A 130 0.96 6.91 -5.43
N SER A 131 0.55 8.16 -5.22
CA SER A 131 1.54 9.22 -5.14
C SER A 131 2.48 8.88 -3.99
N HIS A 132 3.77 9.15 -4.18
CA HIS A 132 4.78 9.00 -3.12
C HIS A 132 5.52 10.35 -2.93
N LEU A 133 4.73 11.43 -3.02
CA LEU A 133 5.15 12.76 -2.66
C LEU A 133 4.26 13.29 -1.53
N SER A 134 4.87 13.61 -0.42
CA SER A 134 4.20 14.22 0.73
C SER A 134 2.93 13.40 1.04
N THR A 135 1.78 14.05 1.27
CA THR A 135 0.53 13.33 1.54
C THR A 135 -0.43 13.40 0.36
N GLN A 136 0.11 13.53 -0.84
CA GLN A 136 -0.69 13.66 -2.01
C GLN A 136 -1.61 12.48 -2.33
N TYR A 137 -1.24 11.26 -1.96
CA TYR A 137 -2.14 10.16 -2.27
C TYR A 137 -3.49 10.26 -1.58
N CYS A 138 -3.49 10.87 -0.41
CA CYS A 138 -4.72 11.10 0.34
CA CYS A 138 -4.73 11.07 0.31
C CYS A 138 -5.69 11.97 -0.45
N ASP A 139 -5.15 12.96 -1.18
CA ASP A 139 -5.99 13.81 -2.00
C ASP A 139 -6.54 13.15 -3.29
N GLY A 140 -6.20 11.89 -3.58
CA GLY A 140 -6.92 11.12 -4.59
C GLY A 140 -6.07 10.22 -5.44
N LEU A 141 -4.74 10.41 -5.46
CA LEU A 141 -3.86 9.68 -6.43
C LEU A 141 -3.50 8.31 -5.86
N ARG A 142 -4.42 7.37 -6.01
CA ARG A 142 -4.28 6.07 -5.44
C ARG A 142 -5.29 5.15 -6.11
N GLY A 143 -4.80 4.01 -6.56
CA GLY A 143 -5.66 2.96 -7.16
C GLY A 143 -5.05 1.57 -7.15
N PRO A 144 -5.80 0.56 -7.61
CA PRO A 144 -5.39 -0.81 -7.62
C PRO A 144 -4.59 -1.20 -8.87
N PHE A 145 -3.82 -2.26 -8.76
CA PHE A 145 -2.90 -2.71 -9.83
C PHE A 145 -2.82 -4.20 -9.66
N VAL A 146 -3.27 -4.97 -10.67
CA VAL A 146 -3.25 -6.42 -10.59
C VAL A 146 -2.39 -7.00 -11.71
N VAL A 147 -1.53 -7.91 -11.33
CA VAL A 147 -0.77 -8.75 -12.27
C VAL A 147 -1.27 -10.18 -12.18
N TYR A 148 -1.96 -10.61 -13.22
CA TYR A 148 -2.54 -11.92 -13.26
C TYR A 148 -1.51 -12.97 -13.60
N ASP A 149 -1.76 -14.17 -13.11
CA ASP A 149 -0.90 -15.32 -13.39
C ASP A 149 -1.75 -16.26 -14.25
N PRO A 150 -1.42 -16.40 -15.53
CA PRO A 150 -2.23 -17.35 -16.34
C PRO A 150 -2.11 -18.86 -15.92
N ASN A 151 -1.12 -19.20 -15.10
CA ASN A 151 -1.06 -20.51 -14.42
C ASN A 151 -1.24 -20.41 -12.91
N ASP A 152 -2.13 -19.52 -12.46
CA ASP A 152 -2.24 -19.24 -11.05
C ASP A 152 -2.53 -20.57 -10.33
N PRO A 153 -1.73 -20.92 -9.31
CA PRO A 153 -1.99 -22.23 -8.66
C PRO A 153 -3.27 -22.26 -7.83
N GLN A 154 -3.92 -21.12 -7.61
CA GLN A 154 -5.16 -21.05 -6.85
C GLN A 154 -6.39 -21.11 -7.77
N ALA A 155 -6.19 -21.11 -9.08
CA ALA A 155 -7.29 -20.92 -10.06
C ALA A 155 -8.42 -21.93 -10.02
N SER A 156 -8.13 -23.17 -9.62
CA SER A 156 -9.21 -24.17 -9.46
C SER A 156 -10.18 -23.85 -8.31
N LEU A 157 -9.83 -22.92 -7.42
CA LEU A 157 -10.68 -22.51 -6.32
C LEU A 157 -11.79 -21.50 -6.65
N TYR A 158 -11.83 -20.98 -7.88
CA TYR A 158 -12.84 -19.96 -8.24
C TYR A 158 -13.14 -19.97 -9.71
N ASP A 159 -14.26 -19.38 -10.05
CA ASP A 159 -14.77 -19.32 -11.41
C ASP A 159 -14.52 -17.96 -12.08
N ILE A 160 -14.51 -16.89 -11.30
CA ILE A 160 -14.53 -15.54 -11.83
C ILE A 160 -13.45 -14.69 -11.15
N ASP A 161 -12.60 -14.07 -11.95
CA ASP A 161 -11.52 -13.21 -11.47
C ASP A 161 -11.32 -12.16 -12.55
N ASN A 162 -11.93 -10.98 -12.38
CA ASN A 162 -11.87 -9.98 -13.42
C ASN A 162 -11.93 -8.56 -12.86
N ASP A 163 -12.07 -7.56 -13.73
CA ASP A 163 -12.00 -6.15 -13.29
C ASP A 163 -13.08 -5.87 -12.20
N ASP A 164 -14.24 -6.53 -12.27
CA ASP A 164 -15.32 -6.31 -11.29
C ASP A 164 -15.14 -7.10 -9.97
N THR A 165 -14.05 -7.87 -9.82
CA THR A 165 -13.80 -8.51 -8.56
C THR A 165 -12.72 -7.82 -7.73
N VAL A 166 -12.19 -6.66 -8.16
CA VAL A 166 -11.29 -5.86 -7.35
C VAL A 166 -12.16 -5.02 -6.43
N ILE A 167 -11.86 -5.00 -5.15
CA ILE A 167 -12.58 -4.23 -4.16
C ILE A 167 -11.59 -3.29 -3.48
N THR A 168 -11.74 -1.99 -3.66
CA THR A 168 -10.85 -1.04 -3.02
C THR A 168 -11.50 -0.46 -1.76
N LEU A 169 -10.68 -0.20 -0.75
CA LEU A 169 -11.08 0.54 0.48
C LEU A 169 -10.27 1.84 0.52
N ALA A 170 -10.91 2.96 0.75
CA ALA A 170 -10.24 4.25 0.86
C ALA A 170 -10.89 5.10 1.95
N ASP A 171 -10.07 5.64 2.83
CA ASP A 171 -10.48 6.69 3.77
C ASP A 171 -10.56 8.01 3.00
N TRP A 172 -11.71 8.67 3.08
CA TRP A 172 -11.97 9.88 2.32
C TRP A 172 -12.23 11.07 3.25
N TYR A 173 -11.59 12.19 2.98
CA TYR A 173 -11.61 13.39 3.87
C TYR A 173 -12.28 14.52 3.14
N HIS A 174 -13.11 15.28 3.85
CA HIS A 174 -13.79 16.44 3.25
C HIS A 174 -12.85 17.64 3.15
N VAL A 175 -11.84 17.67 4.00
CA VAL A 175 -10.83 18.74 3.96
C VAL A 175 -9.52 18.12 3.48
N ALA A 176 -8.84 18.85 2.60
CA ALA A 176 -7.64 18.39 1.92
C ALA A 176 -6.51 18.14 2.91
N ALA A 177 -5.57 17.31 2.47
CA ALA A 177 -4.53 16.83 3.36
C ALA A 177 -3.68 17.97 3.96
N LYS A 178 -3.41 19.02 3.18
CA LYS A 178 -2.62 20.16 3.65
C LYS A 178 -3.46 21.26 4.30
N LEU A 179 -4.78 21.14 4.27
CA LEU A 179 -5.66 22.09 4.94
C LEU A 179 -6.23 21.62 6.29
N GLY A 180 -6.22 20.33 6.60
CA GLY A 180 -6.82 19.85 7.82
C GLY A 180 -5.74 19.67 8.86
N PRO A 181 -6.01 18.93 9.92
CA PRO A 181 -5.00 18.66 10.91
C PRO A 181 -3.81 17.88 10.36
N ARG A 182 -2.67 18.07 11.00
CA ARG A 182 -1.44 17.35 10.66
C ARG A 182 -1.64 15.86 10.86
N PHE A 183 -2.35 15.50 11.94
CA PHE A 183 -2.71 14.12 12.23
C PHE A 183 -4.23 14.04 12.35
N PRO A 184 -4.94 13.80 11.22
CA PRO A 184 -6.41 13.83 11.26
C PRO A 184 -6.97 12.73 12.16
N PRO A 185 -8.13 12.96 12.81
CA PRO A 185 -8.69 11.93 13.69
C PRO A 185 -9.58 10.99 12.88
N GLY A 186 -9.04 10.37 11.84
CA GLY A 186 -9.84 9.56 10.93
C GLY A 186 -10.57 10.38 9.89
N SER A 187 -11.20 9.66 9.00
CA SER A 187 -11.83 10.25 7.84
C SER A 187 -13.32 10.47 8.00
N ASP A 188 -13.89 11.22 7.07
CA ASP A 188 -15.30 11.49 7.04
C ASP A 188 -16.09 10.29 6.53
N ALA A 189 -15.51 9.54 5.61
CA ALA A 189 -16.17 8.40 4.97
C ALA A 189 -15.17 7.29 4.68
N THR A 190 -15.67 6.07 4.62
CA THR A 190 -14.97 5.00 3.94
C THR A 190 -15.63 4.76 2.60
N LEU A 191 -14.82 4.76 1.55
CA LEU A 191 -15.24 4.47 0.21
C LEU A 191 -14.93 3.01 -0.12
N ILE A 192 -15.90 2.31 -0.69
CA ILE A 192 -15.68 0.93 -1.13
C ILE A 192 -15.94 0.99 -2.62
N ASN A 193 -14.98 0.54 -3.40
CA ASN A 193 -14.96 0.80 -4.84
C ASN A 193 -15.36 2.24 -5.20
N GLY A 194 -14.76 3.17 -4.48
CA GLY A 194 -14.94 4.60 -4.73
C GLY A 194 -16.22 5.29 -4.26
N LEU A 195 -17.12 4.56 -3.60
CA LEU A 195 -18.38 5.16 -3.17
C LEU A 195 -18.64 4.84 -1.69
N GLY A 196 -19.33 5.73 -1.03
CA GLY A 196 -19.70 5.47 0.37
C GLY A 196 -20.49 6.65 0.92
N ARG A 197 -20.94 6.53 2.15
CA ARG A 197 -21.66 7.59 2.81
C ARG A 197 -20.83 8.18 3.97
N SER A 198 -21.11 9.44 4.25
CA SER A 198 -20.63 10.12 5.43
C SER A 198 -21.87 10.33 6.33
N PRO A 199 -21.65 10.63 7.63
CA PRO A 199 -22.81 10.84 8.53
C PRO A 199 -23.78 11.93 8.06
N GLY A 200 -23.29 12.96 7.37
CA GLY A 200 -24.18 13.98 6.75
C GLY A 200 -24.69 13.72 5.32
N THR A 201 -24.33 12.58 4.72
CA THR A 201 -24.70 12.25 3.36
C THR A 201 -25.18 10.77 3.31
N THR A 202 -26.14 10.45 4.19
CA THR A 202 -26.58 9.07 4.33
C THR A 202 -27.55 8.58 3.27
N ALA A 203 -27.86 9.40 2.28
CA ALA A 203 -28.53 8.94 1.08
C ALA A 203 -27.59 8.82 -0.14
N ALA A 204 -26.29 9.07 0.02
CA ALA A 204 -25.41 8.97 -1.13
C ALA A 204 -25.40 7.54 -1.70
N ASP A 205 -25.13 7.41 -2.98
CA ASP A 205 -25.09 6.09 -3.62
C ASP A 205 -24.00 5.18 -3.03
N LEU A 206 -24.38 3.94 -2.80
CA LEU A 206 -23.49 2.89 -2.33
C LEU A 206 -22.96 2.11 -3.52
N ALA A 207 -21.74 1.60 -3.36
CA ALA A 207 -21.18 0.69 -4.35
C ALA A 207 -21.94 -0.63 -4.29
N VAL A 208 -22.08 -1.24 -5.46
CA VAL A 208 -22.75 -2.51 -5.60
C VAL A 208 -21.76 -3.48 -6.24
N ILE A 209 -21.55 -4.63 -5.63
CA ILE A 209 -20.79 -5.69 -6.19
C ILE A 209 -21.76 -6.81 -6.54
N LYS A 210 -21.82 -7.17 -7.82
CA LYS A 210 -22.77 -8.13 -8.34
C LYS A 210 -22.17 -9.53 -8.36
N VAL A 211 -22.95 -10.50 -7.88
CA VAL A 211 -22.61 -11.92 -7.99
C VAL A 211 -23.81 -12.69 -8.52
N THR A 212 -23.52 -13.84 -9.12
CA THR A 212 -24.50 -14.78 -9.62
C THR A 212 -24.48 -15.98 -8.71
N GLN A 213 -25.66 -16.37 -8.22
CA GLN A 213 -25.80 -17.52 -7.36
C GLN A 213 -25.15 -18.75 -7.98
N GLY A 214 -24.34 -19.44 -7.20
CA GLY A 214 -23.70 -20.67 -7.65
C GLY A 214 -22.31 -20.45 -8.19
N LYS A 215 -21.82 -19.21 -8.30
CA LYS A 215 -20.48 -19.00 -8.77
C LYS A 215 -19.54 -18.71 -7.63
N ARG A 216 -18.25 -18.95 -7.85
CA ARG A 216 -17.20 -18.65 -6.88
C ARG A 216 -16.35 -17.52 -7.43
N TYR A 217 -16.07 -16.51 -6.59
CA TYR A 217 -15.42 -15.27 -7.01
C TYR A 217 -14.08 -15.14 -6.30
N ARG A 218 -13.06 -14.73 -7.05
CA ARG A 218 -11.83 -14.28 -6.39
C ARG A 218 -11.93 -12.76 -6.24
N PHE A 219 -12.23 -12.31 -5.03
CA PHE A 219 -12.21 -10.90 -4.75
C PHE A 219 -10.82 -10.49 -4.30
N ARG A 220 -10.35 -9.40 -4.86
CA ARG A 220 -9.03 -8.84 -4.56
C ARG A 220 -9.23 -7.57 -3.78
N LEU A 221 -9.02 -7.67 -2.47
CA LEU A 221 -9.27 -6.60 -1.52
C LEU A 221 -8.00 -5.72 -1.35
N VAL A 222 -8.13 -4.45 -1.67
CA VAL A 222 -7.00 -3.56 -1.71
C VAL A 222 -7.23 -2.40 -0.78
N SER A 223 -6.38 -2.26 0.25
CA SER A 223 -6.46 -1.07 1.09
C SER A 223 -5.64 0.05 0.49
N LEU A 224 -6.35 1.09 0.05
CA LEU A 224 -5.77 2.35 -0.37
C LEU A 224 -5.72 3.38 0.77
N SER A 225 -5.80 2.93 2.02
CA SER A 225 -5.95 3.84 3.13
C SER A 225 -4.72 4.74 3.34
N CYS A 226 -4.99 5.99 3.67
CA CYS A 226 -3.95 6.88 4.15
CA CYS A 226 -3.97 6.93 4.15
C CYS A 226 -3.62 6.70 5.62
N ASP A 227 -4.51 6.05 6.38
CA ASP A 227 -4.33 6.05 7.84
C ASP A 227 -5.05 4.91 8.58
N PRO A 228 -6.38 4.99 8.77
CA PRO A 228 -7.04 3.97 9.53
C PRO A 228 -6.93 2.60 8.92
N ASN A 229 -6.91 1.58 9.76
CA ASN A 229 -7.16 0.21 9.27
C ASN A 229 -8.67 -0.05 9.20
N HIS A 230 -9.08 -1.15 8.55
CA HIS A 230 -10.50 -1.47 8.43
C HIS A 230 -10.72 -2.90 8.79
N THR A 231 -11.89 -3.17 9.41
CA THR A 231 -12.34 -4.53 9.67
C THR A 231 -13.44 -4.84 8.66
N PHE A 232 -13.11 -5.75 7.74
CA PHE A 232 -13.92 -6.05 6.58
C PHE A 232 -14.66 -7.36 6.78
N SER A 233 -15.94 -7.36 6.44
CA SER A 233 -16.77 -8.56 6.49
C SER A 233 -17.95 -8.43 5.54
N ILE A 234 -18.63 -9.54 5.31
CA ILE A 234 -19.74 -9.58 4.41
C ILE A 234 -20.81 -10.42 5.13
N ASP A 235 -21.96 -9.81 5.35
CA ASP A 235 -23.08 -10.46 6.04
C ASP A 235 -23.40 -11.75 5.29
N GLY A 236 -23.57 -12.80 6.08
CA GLY A 236 -24.01 -14.11 5.63
C GLY A 236 -22.96 -14.92 4.86
N HIS A 237 -21.74 -14.39 4.70
CA HIS A 237 -20.73 -15.04 3.88
C HIS A 237 -19.39 -15.22 4.63
N THR A 238 -18.69 -16.28 4.30
CA THR A 238 -17.31 -16.47 4.74
C THR A 238 -16.40 -16.17 3.57
N MET A 239 -15.12 -16.08 3.85
CA MET A 239 -14.12 -15.66 2.86
C MET A 239 -12.93 -16.61 2.95
N THR A 240 -12.45 -17.15 1.84
CA THR A 240 -11.27 -18.04 1.89
C THR A 240 -10.05 -17.29 1.39
N ILE A 241 -9.14 -16.96 2.29
CA ILE A 241 -7.97 -16.20 1.89
C ILE A 241 -7.03 -17.09 1.10
N ILE A 242 -6.61 -16.59 -0.05
CA ILE A 242 -5.67 -17.28 -0.93
C ILE A 242 -4.43 -16.50 -1.28
N GLU A 243 -4.36 -15.26 -0.83
CA GLU A 243 -3.23 -14.39 -1.09
C GLU A 243 -3.21 -13.31 -0.01
N ALA A 244 -2.00 -12.93 0.43
CA ALA A 244 -1.75 -11.87 1.40
C ALA A 244 -0.69 -10.99 0.78
N ASP A 245 -1.03 -9.70 0.64
CA ASP A 245 -0.29 -8.77 -0.19
C ASP A 245 -0.04 -9.44 -1.58
N SER A 246 1.20 -9.74 -1.97
CA SER A 246 1.42 -10.39 -3.28
C SER A 246 1.84 -11.86 -3.17
N VAL A 247 1.63 -12.48 -2.02
CA VAL A 247 2.08 -13.82 -1.74
C VAL A 247 0.93 -14.81 -1.60
N ASN A 248 0.95 -15.88 -2.40
CA ASN A 248 -0.10 -16.89 -2.32
C ASN A 248 -0.01 -17.63 -1.00
N THR A 249 -1.17 -17.91 -0.43
CA THR A 249 -1.25 -18.55 0.87
C THR A 249 -1.93 -19.89 0.76
N GLN A 250 -1.68 -20.74 1.74
CA GLN A 250 -2.52 -21.93 1.94
C GLN A 250 -3.93 -21.35 2.20
N PRO A 251 -4.97 -21.93 1.57
CA PRO A 251 -6.35 -21.43 1.72
C PRO A 251 -6.81 -21.40 3.17
N LEU A 252 -7.30 -20.26 3.66
CA LEU A 252 -7.60 -20.11 5.05
C LEU A 252 -8.97 -19.48 5.14
N GLU A 253 -9.89 -20.20 5.74
CA GLU A 253 -11.24 -19.70 5.80
C GLU A 253 -11.39 -18.74 6.97
N VAL A 254 -11.99 -17.57 6.72
CA VAL A 254 -12.20 -16.58 7.76
C VAL A 254 -13.58 -15.95 7.59
N ASP A 255 -14.02 -15.22 8.59
CA ASP A 255 -15.27 -14.47 8.45
C ASP A 255 -15.14 -12.99 8.76
N SER A 256 -13.92 -12.52 9.03
CA SER A 256 -13.63 -11.11 9.31
C SER A 256 -12.14 -10.90 9.02
N ILE A 257 -11.80 -9.77 8.41
CA ILE A 257 -10.42 -9.43 8.09
C ILE A 257 -10.13 -8.02 8.55
N GLN A 258 -9.21 -7.86 9.50
CA GLN A 258 -8.64 -6.57 9.79
C GLN A 258 -7.50 -6.31 8.79
N ILE A 259 -7.67 -5.32 7.94
CA ILE A 259 -6.71 -5.01 6.88
C ILE A 259 -6.12 -3.63 7.15
N PHE A 260 -4.80 -3.56 7.21
CA PHE A 260 -4.09 -2.31 7.51
C PHE A 260 -3.78 -1.59 6.24
N ALA A 261 -3.48 -0.30 6.37
CA ALA A 261 -3.21 0.57 5.27
C ALA A 261 -2.15 -0.07 4.35
N ALA A 262 -2.49 -0.20 3.07
CA ALA A 262 -1.57 -0.64 2.01
C ALA A 262 -1.46 -2.15 1.87
N GLN A 263 -2.11 -2.91 2.77
CA GLN A 263 -2.22 -4.35 2.59
C GLN A 263 -3.26 -4.74 1.53
N ARG A 264 -3.13 -5.97 1.04
CA ARG A 264 -4.10 -6.57 0.17
C ARG A 264 -4.38 -8.00 0.65
N TYR A 265 -5.56 -8.49 0.32
CA TYR A 265 -5.85 -9.94 0.42
C TYR A 265 -6.69 -10.35 -0.79
N SER A 266 -6.42 -11.51 -1.35
CA SER A 266 -7.41 -12.17 -2.21
C SER A 266 -8.16 -13.17 -1.38
N PHE A 267 -9.49 -13.17 -1.54
CA PHE A 267 -10.31 -14.19 -0.95
C PHE A 267 -11.32 -14.72 -1.94
N VAL A 268 -11.69 -15.99 -1.78
CA VAL A 268 -12.75 -16.61 -2.54
C VAL A 268 -14.05 -16.51 -1.78
N LEU A 269 -15.07 -16.03 -2.50
CA LEU A 269 -16.45 -16.00 -2.00
C LEU A 269 -17.30 -16.93 -2.83
N ASP A 270 -18.02 -17.81 -2.14
CA ASP A 270 -18.89 -18.77 -2.77
C ASP A 270 -20.28 -18.15 -2.66
N ALA A 271 -20.82 -17.72 -3.79
CA ALA A 271 -22.09 -17.04 -3.79
C ALA A 271 -23.21 -18.09 -3.77
N SER A 272 -23.32 -18.79 -2.65
CA SER A 272 -24.25 -19.89 -2.48
CA SER A 272 -24.31 -19.87 -2.54
C SER A 272 -25.38 -19.54 -1.52
N GLN A 273 -25.46 -18.29 -1.05
CA GLN A 273 -26.54 -17.89 -0.17
C GLN A 273 -27.81 -17.61 -0.99
N PRO A 274 -28.96 -17.46 -0.31
CA PRO A 274 -30.17 -17.05 -1.06
C PRO A 274 -29.99 -15.73 -1.86
N VAL A 275 -30.68 -15.63 -2.99
CA VAL A 275 -30.70 -14.43 -3.81
C VAL A 275 -31.25 -13.27 -2.97
N ASP A 276 -30.41 -12.29 -2.72
CA ASP A 276 -30.70 -11.18 -1.83
C ASP A 276 -29.59 -10.12 -1.91
N ASN A 277 -29.78 -9.05 -1.15
CA ASN A 277 -28.79 -8.02 -0.91
C ASN A 277 -28.15 -8.23 0.45
N TYR A 278 -26.82 -8.18 0.50
CA TYR A 278 -26.09 -8.39 1.75
C TYR A 278 -25.16 -7.23 2.00
N TRP A 279 -25.09 -6.75 3.24
CA TRP A 279 -24.19 -5.68 3.55
C TRP A 279 -22.73 -6.17 3.48
N ILE A 280 -21.90 -5.38 2.80
CA ILE A 280 -20.46 -5.42 2.87
C ILE A 280 -20.05 -4.30 3.83
N ARG A 281 -19.18 -4.63 4.76
CA ARG A 281 -18.81 -3.74 5.85
C ARG A 281 -17.31 -3.53 5.93
N ALA A 282 -16.89 -2.29 6.11
CA ALA A 282 -15.50 -1.94 6.26
C ALA A 282 -15.39 -0.89 7.39
N ASN A 283 -15.30 -1.37 8.63
CA ASN A 283 -15.39 -0.51 9.82
C ASN A 283 -13.99 0.04 10.13
N PRO A 284 -13.80 1.37 10.04
CA PRO A 284 -12.47 1.93 10.30
C PRO A 284 -12.10 1.89 11.77
N SER A 285 -10.80 1.77 12.08
CA SER A 285 -10.34 1.66 13.48
C SER A 285 -10.61 2.95 14.23
N PHE A 286 -10.60 4.09 13.55
CA PHE A 286 -11.12 5.35 14.15
C PHE A 286 -11.66 6.25 13.05
N GLY A 287 -12.39 7.27 13.47
CA GLY A 287 -13.03 8.20 12.55
C GLY A 287 -14.51 8.07 12.83
N ASN A 288 -15.34 7.93 11.80
CA ASN A 288 -16.77 7.74 11.97
C ASN A 288 -16.99 6.23 11.91
N THR A 289 -17.15 5.62 13.07
CA THR A 289 -17.26 4.18 13.21
C THR A 289 -18.70 3.70 13.19
N GLY A 290 -18.84 2.38 13.04
CA GLY A 290 -20.14 1.75 12.96
C GLY A 290 -20.83 1.97 11.59
N PHE A 291 -22.15 1.81 11.58
CA PHE A 291 -22.91 1.70 10.34
C PHE A 291 -24.15 2.50 10.26
N ALA A 292 -24.26 3.51 11.13
CA ALA A 292 -25.48 4.33 11.15
C ALA A 292 -25.69 4.96 9.79
N GLY A 293 -26.90 4.81 9.26
CA GLY A 293 -27.25 5.35 7.97
C GLY A 293 -26.55 4.72 6.75
N GLY A 294 -25.93 3.56 6.96
CA GLY A 294 -25.23 2.86 5.93
C GLY A 294 -23.83 3.41 5.61
N ILE A 295 -23.21 4.21 6.50
CA ILE A 295 -21.80 4.47 6.42
C ILE A 295 -20.98 3.18 6.52
N ASN A 296 -19.73 3.26 6.05
CA ASN A 296 -18.77 2.18 6.06
C ASN A 296 -19.28 0.89 5.42
N SER A 297 -20.10 1.03 4.39
CA SER A 297 -20.87 -0.08 3.86
C SER A 297 -20.94 -0.01 2.31
N ALA A 298 -21.08 -1.20 1.74
CA ALA A 298 -21.45 -1.41 0.34
C ALA A 298 -22.44 -2.58 0.26
N ILE A 299 -22.83 -2.95 -0.96
CA ILE A 299 -23.87 -3.93 -1.19
C ILE A 299 -23.34 -5.06 -2.05
N LEU A 300 -23.47 -6.29 -1.54
CA LEU A 300 -23.28 -7.51 -2.36
C LEU A 300 -24.66 -7.85 -2.84
N ARG A 301 -24.90 -7.71 -4.13
CA ARG A 301 -26.24 -7.93 -4.74
C ARG A 301 -26.21 -9.17 -5.60
N TYR A 302 -26.96 -10.20 -5.22
CA TYR A 302 -27.15 -11.35 -6.08
C TYR A 302 -28.01 -10.98 -7.29
N LEU A 303 -27.66 -11.50 -8.46
CA LEU A 303 -28.44 -11.21 -9.66
C LEU A 303 -29.87 -11.63 -9.48
N GLY A 304 -30.78 -10.74 -9.81
CA GLY A 304 -32.20 -10.98 -9.60
C GLY A 304 -32.82 -10.39 -8.36
N ALA A 305 -31.99 -10.01 -7.39
CA ALA A 305 -32.52 -9.37 -6.21
C ALA A 305 -32.95 -7.95 -6.55
N PRO A 306 -33.96 -7.44 -5.85
CA PRO A 306 -34.33 -6.05 -6.02
C PRO A 306 -33.19 -5.12 -5.78
N GLU A 307 -33.22 -3.98 -6.48
CA GLU A 307 -32.09 -3.09 -6.44
C GLU A 307 -32.30 -2.06 -5.31
N ILE A 308 -32.19 -2.57 -4.07
CA ILE A 308 -32.42 -1.81 -2.85
C ILE A 308 -31.30 -2.14 -1.82
N GLU A 309 -31.29 -1.40 -0.75
CA GLU A 309 -30.29 -1.56 0.29
C GLU A 309 -30.54 -2.86 1.04
N PRO A 310 -29.47 -3.52 1.54
CA PRO A 310 -29.66 -4.72 2.35
C PRO A 310 -30.39 -4.41 3.67
N THR A 311 -31.00 -5.42 4.23
CA THR A 311 -31.45 -5.34 5.61
C THR A 311 -30.91 -6.54 6.40
N THR A 312 -29.76 -7.10 5.99
CA THR A 312 -29.06 -8.15 6.74
C THR A 312 -28.42 -7.57 7.99
N THR A 313 -28.22 -8.42 8.99
CA THR A 313 -27.62 -7.95 10.26
C THR A 313 -26.27 -8.58 10.53
N GLN A 314 -25.46 -7.86 11.27
CA GLN A 314 -24.11 -8.33 11.60
C GLN A 314 -24.15 -9.56 12.50
N THR A 315 -23.22 -10.46 12.31
CA THR A 315 -22.97 -11.60 13.15
C THR A 315 -21.55 -11.51 13.70
N THR A 316 -21.37 -12.02 14.91
CA THR A 316 -20.08 -11.98 15.59
C THR A 316 -19.13 -12.84 14.80
N PRO A 317 -17.92 -12.37 14.49
CA PRO A 317 -16.99 -13.30 13.83
C PRO A 317 -16.63 -14.48 14.72
N THR A 318 -16.72 -15.69 14.20
CA THR A 318 -16.17 -16.84 14.87
C THR A 318 -14.86 -17.32 14.25
N LYS A 319 -14.40 -16.69 13.16
CA LYS A 319 -13.15 -17.11 12.56
C LYS A 319 -12.41 -15.89 12.04
N PRO A 320 -12.04 -14.97 12.93
CA PRO A 320 -11.32 -13.82 12.40
C PRO A 320 -9.90 -14.18 11.86
N LEU A 321 -9.45 -13.46 10.86
CA LEU A 321 -8.09 -13.60 10.36
C LEU A 321 -7.09 -13.31 11.48
N THR A 322 -6.15 -14.21 11.68
CA THR A 322 -4.94 -13.88 12.47
C THR A 322 -3.74 -14.12 11.55
N GLU A 323 -2.84 -13.16 11.47
CA GLU A 323 -1.66 -13.28 10.60
C GLU A 323 -0.84 -14.55 10.83
N VAL A 324 -0.77 -15.01 12.08
CA VAL A 324 -0.01 -16.25 12.35
C VAL A 324 -0.63 -17.48 11.70
N ASP A 325 -1.92 -17.43 11.34
CA ASP A 325 -2.56 -18.54 10.63
C ASP A 325 -2.28 -18.57 9.11
N LEU A 326 -1.70 -17.48 8.59
CA LEU A 326 -1.29 -17.42 7.20
C LEU A 326 0.06 -18.09 6.97
N HIS A 327 0.11 -18.98 5.99
CA HIS A 327 1.38 -19.59 5.57
C HIS A 327 1.44 -19.55 4.03
N PRO A 328 2.64 -19.41 3.46
CA PRO A 328 2.75 -19.42 2.00
C PRO A 328 2.29 -20.72 1.38
N LEU A 329 1.62 -20.62 0.25
CA LEU A 329 1.22 -21.80 -0.50
C LEU A 329 2.44 -22.66 -0.87
N THR A 330 3.48 -22.03 -1.39
CA THR A 330 4.73 -22.67 -1.83
C THR A 330 5.72 -22.47 -0.68
N PRO A 331 6.48 -23.51 -0.30
CA PRO A 331 7.41 -23.28 0.79
C PRO A 331 8.39 -22.14 0.46
N MET A 332 8.54 -21.18 1.38
CA MET A 332 9.45 -20.05 1.21
CA MET A 332 9.46 -20.04 1.22
C MET A 332 10.37 -20.03 2.42
N ALA A 333 11.64 -20.37 2.23
CA ALA A 333 12.59 -20.49 3.34
C ALA A 333 12.85 -19.16 3.99
N VAL A 334 12.88 -19.17 5.31
CA VAL A 334 13.20 -17.98 6.05
C VAL A 334 14.73 -17.76 5.98
N PRO A 335 15.19 -16.55 5.64
CA PRO A 335 16.64 -16.27 5.70
C PRO A 335 17.26 -16.53 7.08
N GLY A 336 18.54 -16.91 7.10
CA GLY A 336 19.29 -17.06 8.35
C GLY A 336 19.01 -18.33 9.11
N ARG A 337 19.33 -18.29 10.40
CA ARG A 337 19.29 -19.43 11.31
C ARG A 337 18.16 -19.17 12.30
N PRO A 338 17.53 -20.25 12.82
CA PRO A 338 16.31 -20.08 13.61
C PRO A 338 16.52 -19.69 15.09
N GLU A 339 17.05 -18.50 15.30
CA GLU A 339 17.18 -17.92 16.63
C GLU A 339 17.25 -16.40 16.47
N PRO A 340 16.98 -15.64 17.54
CA PRO A 340 17.11 -14.17 17.43
C PRO A 340 18.53 -13.73 17.07
N GLY A 341 18.64 -12.71 16.23
CA GLY A 341 19.91 -12.23 15.73
C GLY A 341 20.60 -13.20 14.81
N GLY A 342 19.95 -14.26 14.38
CA GLY A 342 20.54 -15.30 13.54
C GLY A 342 20.72 -14.97 12.07
N VAL A 343 21.26 -13.79 11.80
CA VAL A 343 21.42 -13.29 10.45
C VAL A 343 22.75 -12.52 10.33
N ASP A 344 23.15 -12.18 9.12
CA ASP A 344 24.32 -11.32 8.91
C ASP A 344 24.14 -9.95 9.52
N LYS A 345 22.96 -9.35 9.44
CA LYS A 345 22.82 -7.96 9.88
C LYS A 345 21.49 -7.75 10.61
N PRO A 346 21.53 -7.76 11.96
CA PRO A 346 20.31 -7.52 12.70
C PRO A 346 20.16 -6.06 13.02
N LEU A 347 18.93 -5.52 12.91
CA LEU A 347 18.65 -4.09 13.19
C LEU A 347 17.41 -3.95 14.01
N ASN A 348 17.42 -2.99 14.94
CA ASN A 348 16.30 -2.75 15.83
C ASN A 348 15.90 -1.30 15.63
N MET A 349 14.62 -1.06 15.34
CA MET A 349 14.11 0.26 15.03
C MET A 349 13.35 0.78 16.25
N VAL A 350 13.96 1.74 16.93
CA VAL A 350 13.44 2.36 18.14
C VAL A 350 12.64 3.59 17.75
N PHE A 351 11.34 3.54 17.98
CA PHE A 351 10.44 4.61 17.57
C PHE A 351 10.32 5.69 18.62
N ASN A 352 10.14 6.93 18.18
CA ASN A 352 9.82 8.03 19.09
C ASN A 352 8.99 9.11 18.37
N PHE A 353 8.53 10.09 19.13
CA PHE A 353 7.66 11.13 18.63
C PHE A 353 7.80 12.33 19.55
N ASN A 354 7.83 13.54 19.01
CA ASN A 354 7.98 14.73 19.89
C ASN A 354 6.75 15.63 19.92
N GLY A 355 5.61 15.16 19.42
CA GLY A 355 4.40 15.97 19.29
C GLY A 355 4.20 16.49 17.89
N THR A 356 5.27 16.60 17.11
CA THR A 356 5.22 17.09 15.73
C THR A 356 5.82 16.08 14.75
N ASN A 357 6.98 15.53 15.10
CA ASN A 357 7.75 14.65 14.25
C ASN A 357 7.95 13.27 14.84
N PHE A 358 7.93 12.26 13.95
CA PHE A 358 8.29 10.91 14.32
C PHE A 358 9.80 10.70 14.10
N PHE A 359 10.35 9.72 14.82
CA PHE A 359 11.78 9.43 14.82
C PHE A 359 11.98 7.93 14.79
N ILE A 360 13.01 7.51 14.06
CA ILE A 360 13.48 6.16 14.13
C ILE A 360 14.97 6.20 14.53
N ASN A 361 15.32 5.52 15.61
CA ASN A 361 16.67 5.58 16.16
C ASN A 361 17.21 7.03 16.29
N ASN A 362 16.37 7.89 16.87
CA ASN A 362 16.70 9.30 17.14
CA ASN A 362 16.66 9.30 17.15
C ASN A 362 16.78 10.19 15.90
N HIS A 363 16.28 9.73 14.74
CA HIS A 363 16.29 10.55 13.54
C HIS A 363 14.93 10.61 12.85
N SER A 364 14.51 11.84 12.54
CA SER A 364 13.26 12.06 11.85
C SER A 364 13.62 12.30 10.39
N PHE A 365 13.08 11.50 9.48
CA PHE A 365 13.44 11.66 8.05
C PHE A 365 13.03 13.03 7.49
N VAL A 366 13.99 13.70 6.88
CA VAL A 366 13.76 14.95 6.16
C VAL A 366 14.24 14.69 4.72
N PRO A 367 13.34 14.79 3.74
CA PRO A 367 13.77 14.47 2.38
C PRO A 367 14.92 15.38 1.89
N PRO A 368 15.99 14.78 1.35
CA PRO A 368 17.14 15.55 0.82
C PRO A 368 16.86 16.23 -0.52
N SER A 369 17.57 17.29 -0.85
CA SER A 369 17.46 17.94 -2.15
C SER A 369 17.88 17.08 -3.33
N VAL A 370 18.96 16.34 -3.13
CA VAL A 370 19.48 15.45 -4.12
C VAL A 370 18.94 14.09 -3.76
N PRO A 371 18.18 13.45 -4.68
CA PRO A 371 17.65 12.17 -4.29
C PRO A 371 18.74 11.19 -3.85
N VAL A 372 18.41 10.35 -2.88
CA VAL A 372 19.35 9.36 -2.40
C VAL A 372 19.96 8.52 -3.55
N LEU A 373 19.16 8.09 -4.51
CA LEU A 373 19.71 7.32 -5.62
C LEU A 373 20.80 8.11 -6.39
N LEU A 374 20.53 9.39 -6.65
CA LEU A 374 21.49 10.23 -7.33
C LEU A 374 22.74 10.46 -6.49
N GLN A 375 22.59 10.62 -5.18
CA GLN A 375 23.79 10.72 -4.31
C GLN A 375 24.67 9.50 -4.51
N ILE A 376 24.04 8.32 -4.52
CA ILE A 376 24.81 7.08 -4.66
C ILE A 376 25.49 6.98 -6.05
N LEU A 377 24.75 7.31 -7.12
CA LEU A 377 25.35 7.30 -8.47
C LEU A 377 26.55 8.25 -8.56
N SER A 378 26.50 9.38 -7.82
CA SER A 378 27.57 10.37 -7.87
C SER A 378 28.79 9.93 -7.02
N GLY A 379 28.65 8.85 -6.24
CA GLY A 379 29.76 8.21 -5.52
C GLY A 379 29.58 8.01 -4.04
N ALA A 380 28.50 8.50 -3.44
CA ALA A 380 28.31 8.37 -2.00
C ALA A 380 27.79 6.96 -1.68
N GLN A 381 28.69 6.12 -1.20
CA GLN A 381 28.41 4.72 -0.95
C GLN A 381 28.38 4.33 0.52
N ALA A 382 28.94 5.15 1.40
CA ALA A 382 28.95 4.84 2.83
C ALA A 382 27.87 5.63 3.55
N ALA A 383 27.28 5.04 4.59
CA ALA A 383 26.18 5.69 5.34
C ALA A 383 26.56 7.08 5.85
N GLN A 384 27.81 7.24 6.26
CA GLN A 384 28.25 8.51 6.79
C GLN A 384 28.26 9.61 5.73
N ASP A 385 28.35 9.23 4.43
CA ASP A 385 28.39 10.22 3.33
C ASP A 385 27.03 10.45 2.65
N LEU A 386 25.99 9.77 3.11
CA LEU A 386 24.67 9.89 2.51
C LEU A 386 23.82 10.79 3.36
N VAL A 387 22.98 11.61 2.74
CA VAL A 387 22.13 12.52 3.49
C VAL A 387 20.68 12.16 3.18
N PRO A 388 19.79 12.25 4.17
CA PRO A 388 20.08 12.79 5.51
C PRO A 388 20.77 11.78 6.43
N GLU A 389 21.82 12.22 7.10
CA GLU A 389 22.65 11.32 7.87
C GLU A 389 21.89 10.79 9.07
N GLY A 390 22.09 9.52 9.37
CA GLY A 390 21.36 8.89 10.45
C GLY A 390 20.04 8.26 10.03
N SER A 391 19.52 8.58 8.84
CA SER A 391 18.33 7.94 8.32
C SER A 391 18.63 6.98 7.17
N VAL A 392 19.90 6.85 6.76
CA VAL A 392 20.28 5.96 5.65
C VAL A 392 21.14 4.86 6.20
N TYR A 393 20.71 3.61 6.02
CA TYR A 393 21.42 2.43 6.51
C TYR A 393 21.99 1.72 5.30
N VAL A 394 23.26 1.37 5.33
CA VAL A 394 23.87 0.69 4.21
C VAL A 394 23.91 -0.78 4.53
N LEU A 395 23.40 -1.60 3.65
CA LEU A 395 23.33 -3.03 3.87
C LEU A 395 24.26 -3.76 2.90
N PRO A 396 24.95 -4.79 3.39
CA PRO A 396 25.80 -5.55 2.49
C PRO A 396 24.98 -6.38 1.57
N SER A 397 25.50 -6.61 0.39
CA SER A 397 24.80 -7.43 -0.59
C SER A 397 24.81 -8.89 -0.19
N ASN A 398 23.85 -9.63 -0.73
CA ASN A 398 23.79 -11.07 -0.59
C ASN A 398 23.80 -11.55 0.88
N SER A 399 23.08 -10.84 1.74
CA SER A 399 23.12 -11.11 3.14
C SER A 399 21.75 -11.23 3.72
N SER A 400 21.68 -11.92 4.86
CA SER A 400 20.43 -12.04 5.59
C SER A 400 20.28 -10.88 6.57
N ILE A 401 19.08 -10.29 6.60
CA ILE A 401 18.76 -9.12 7.43
C ILE A 401 17.57 -9.44 8.34
N GLU A 402 17.61 -8.98 9.60
CA GLU A 402 16.52 -9.11 10.52
C GLU A 402 16.25 -7.72 11.04
N ILE A 403 14.99 -7.32 11.00
CA ILE A 403 14.60 -6.02 11.51
C ILE A 403 13.45 -6.18 12.48
N SER A 404 13.62 -5.64 13.69
CA SER A 404 12.59 -5.66 14.71
C SER A 404 12.02 -4.26 14.89
N PHE A 405 10.72 -4.19 15.10
CA PHE A 405 9.98 -2.92 15.18
C PHE A 405 9.15 -2.88 16.49
N PRO A 406 9.83 -2.92 17.65
CA PRO A 406 9.12 -3.03 18.94
C PRO A 406 8.16 -1.86 19.19
N ALA A 407 6.91 -2.18 19.37
CA ALA A 407 5.89 -1.15 19.59
C ALA A 407 6.16 -0.47 20.93
N THR A 408 5.77 0.78 21.01
CA THR A 408 6.09 1.61 22.15
C THR A 408 5.08 2.73 22.28
N VAL A 409 4.78 3.07 23.53
CA VAL A 409 3.95 4.23 23.86
C VAL A 409 4.59 5.54 23.44
N ASN A 410 5.92 5.56 23.23
CA ASN A 410 6.58 6.72 22.66
C ASN A 410 6.20 7.03 21.19
N ALA A 411 5.58 6.11 20.47
CA ALA A 411 5.11 6.38 19.07
C ALA A 411 3.64 6.22 19.00
N PRO A 412 2.91 7.29 19.32
CA PRO A 412 1.44 7.18 19.29
C PRO A 412 0.91 7.02 17.89
N GLY A 413 -0.35 6.62 17.78
CA GLY A 413 -0.98 6.33 16.51
C GLY A 413 -0.80 4.88 16.07
N ALA A 414 -0.38 4.02 16.97
CA ALA A 414 -0.25 2.59 16.74
C ALA A 414 -1.65 1.99 16.48
N PRO A 415 -1.77 0.88 15.76
CA PRO A 415 -0.66 0.09 15.21
C PRO A 415 -0.13 0.66 13.89
N HIS A 416 1.18 0.86 13.83
CA HIS A 416 1.85 1.44 12.67
C HIS A 416 2.14 0.32 11.66
N PRO A 417 1.58 0.40 10.43
CA PRO A 417 1.83 -0.63 9.44
C PRO A 417 3.07 -0.28 8.58
N PHE A 418 4.16 -1.00 8.82
CA PHE A 418 5.41 -0.67 8.18
C PHE A 418 5.53 -1.43 6.87
N HIS A 419 6.21 -0.77 5.94
CA HIS A 419 6.39 -1.23 4.59
C HIS A 419 7.82 -1.03 4.16
N LEU A 420 8.36 -2.08 3.54
CA LEU A 420 9.71 -2.09 2.96
C LEU A 420 9.54 -2.17 1.46
N HIS A 421 10.15 -1.22 0.75
CA HIS A 421 10.19 -1.23 -0.70
C HIS A 421 11.19 -2.27 -1.18
N GLY A 422 11.06 -2.66 -2.45
CA GLY A 422 12.04 -3.53 -3.10
C GLY A 422 12.06 -5.02 -2.74
N HIS A 423 11.18 -5.42 -1.84
CA HIS A 423 11.25 -6.75 -1.20
C HIS A 423 9.90 -7.25 -0.67
N THR A 424 9.69 -8.55 -0.64
CA THR A 424 8.76 -9.12 0.33
C THR A 424 9.61 -9.72 1.42
N PHE A 425 9.07 -9.80 2.62
CA PHE A 425 9.87 -10.24 3.77
C PHE A 425 9.09 -11.26 4.55
N ALA A 426 9.80 -12.09 5.28
CA ALA A 426 9.20 -13.06 6.19
C ALA A 426 8.78 -12.35 7.44
N VAL A 427 7.57 -12.59 7.94
CA VAL A 427 7.15 -12.04 9.20
C VAL A 427 7.37 -13.11 10.24
N VAL A 428 8.59 -13.16 10.80
CA VAL A 428 8.90 -14.19 11.78
C VAL A 428 8.15 -14.02 13.11
N ARG A 429 7.84 -12.79 13.50
CA ARG A 429 6.97 -12.54 14.63
C ARG A 429 5.92 -11.50 14.27
N SER A 430 4.65 -11.88 14.40
CA SER A 430 3.51 -11.02 14.10
C SER A 430 3.00 -10.26 15.37
N ALA A 431 2.22 -9.23 15.12
CA ALA A 431 1.57 -8.50 16.18
C ALA A 431 0.61 -9.42 16.95
N GLY A 432 0.60 -9.24 18.26
CA GLY A 432 -0.27 -9.98 19.17
C GLY A 432 0.15 -11.42 19.39
N SER A 433 1.38 -11.76 19.01
CA SER A 433 1.91 -13.10 19.17
C SER A 433 3.29 -12.96 19.83
N SER A 434 3.57 -13.85 20.78
CA SER A 434 4.92 -13.92 21.33
C SER A 434 5.78 -14.97 20.60
N GLU A 435 5.23 -15.71 19.64
CA GLU A 435 5.99 -16.74 18.95
C GLU A 435 6.94 -16.17 17.87
N TYR A 436 8.03 -16.88 17.65
CA TYR A 436 8.91 -16.66 16.52
C TYR A 436 8.73 -17.87 15.63
N ASN A 437 8.41 -17.68 14.34
CA ASN A 437 8.25 -18.78 13.40
C ASN A 437 9.33 -18.64 12.31
N TYR A 438 10.35 -19.50 12.35
CA TYR A 438 11.44 -19.56 11.38
C TYR A 438 11.23 -20.67 10.38
N ASP A 439 10.10 -21.34 10.45
CA ASP A 439 9.75 -22.46 9.59
C ASP A 439 8.86 -22.03 8.37
N ASN A 440 7.65 -21.60 8.61
CA ASN A 440 6.72 -21.34 7.49
C ASN A 440 5.90 -20.06 7.69
N PRO A 441 6.51 -18.96 8.19
CA PRO A 441 5.74 -17.73 8.38
C PRO A 441 5.31 -17.15 7.02
N ILE A 442 4.22 -16.41 7.05
CA ILE A 442 3.80 -15.65 5.90
C ILE A 442 4.92 -14.69 5.48
N PHE A 443 5.10 -14.54 4.17
CA PHE A 443 5.88 -13.41 3.58
C PHE A 443 4.88 -12.39 3.05
N ARG A 444 5.21 -11.09 3.19
CA ARG A 444 4.35 -10.04 2.66
C ARG A 444 5.16 -8.74 2.52
N ASP A 445 4.49 -7.60 2.31
CA ASP A 445 5.20 -6.36 2.16
C ASP A 445 4.74 -5.21 3.07
N VAL A 446 3.60 -5.38 3.76
CA VAL A 446 3.17 -4.43 4.79
C VAL A 446 2.74 -5.20 6.00
N VAL A 447 3.27 -4.81 7.16
CA VAL A 447 3.02 -5.58 8.37
C VAL A 447 2.69 -4.61 9.52
N SER A 448 1.62 -4.92 10.25
CA SER A 448 1.27 -4.18 11.45
C SER A 448 2.34 -4.39 12.49
N THR A 449 2.86 -3.30 13.05
CA THR A 449 3.80 -3.42 14.17
C THR A 449 3.13 -3.51 15.56
N GLY A 450 1.79 -3.56 15.59
CA GLY A 450 1.05 -3.92 16.80
C GLY A 450 1.04 -2.83 17.86
N THR A 451 0.91 -3.21 19.14
CA THR A 451 0.80 -2.23 20.21
C THR A 451 1.78 -2.60 21.33
N PRO A 452 2.02 -1.68 22.30
CA PRO A 452 3.07 -1.97 23.31
C PRO A 452 2.97 -3.36 23.92
N GLY A 453 4.11 -4.05 23.98
CA GLY A 453 4.15 -5.52 24.24
C GLY A 453 4.62 -6.29 23.01
N ASP A 454 4.25 -5.84 21.80
CA ASP A 454 4.66 -6.54 20.58
C ASP A 454 6.10 -6.28 20.22
N ASN A 455 6.69 -7.20 19.48
CA ASN A 455 7.98 -6.96 18.89
C ASN A 455 8.03 -7.60 17.52
N VAL A 456 7.26 -6.99 16.61
CA VAL A 456 7.14 -7.50 15.23
C VAL A 456 8.50 -7.53 14.56
N THR A 457 8.83 -8.69 13.99
CA THR A 457 10.17 -8.91 13.45
C THR A 457 10.10 -9.56 12.08
N ILE A 458 10.90 -9.03 11.14
CA ILE A 458 10.94 -9.48 9.75
C ILE A 458 12.34 -9.90 9.32
N ARG A 459 12.42 -10.73 8.29
CA ARG A 459 13.66 -11.09 7.64
C ARG A 459 13.56 -10.99 6.13
N PHE A 460 14.69 -10.65 5.54
CA PHE A 460 14.80 -10.67 4.10
C PHE A 460 16.25 -10.77 3.70
N GLN A 461 16.48 -10.96 2.41
CA GLN A 461 17.83 -11.10 1.84
C GLN A 461 18.10 -9.97 0.86
N THR A 462 19.30 -9.40 0.92
CA THR A 462 19.67 -8.28 0.06
C THR A 462 20.17 -8.70 -1.33
N ALA A 463 19.26 -9.13 -2.19
CA ALA A 463 19.58 -9.45 -3.57
C ALA A 463 19.10 -8.35 -4.56
N ASN A 464 18.99 -7.09 -4.15
CA ASN A 464 18.31 -6.07 -4.97
C ASN A 464 18.98 -4.73 -4.79
N PRO A 465 20.09 -4.48 -5.52
CA PRO A 465 20.87 -3.26 -5.31
C PRO A 465 20.07 -1.99 -5.50
N GLY A 466 20.21 -1.10 -4.52
CA GLY A 466 19.53 0.18 -4.56
C GLY A 466 19.05 0.66 -3.21
N PRO A 467 18.70 1.97 -3.11
CA PRO A 467 18.06 2.49 -1.94
C PRO A 467 16.55 2.23 -1.91
N TRP A 468 16.07 1.63 -0.83
CA TRP A 468 14.72 1.24 -0.67
C TRP A 468 14.15 1.85 0.58
N PHE A 469 12.99 2.50 0.44
CA PHE A 469 12.36 3.18 1.56
C PHE A 469 11.77 2.12 2.50
N LEU A 470 11.78 2.44 3.81
CA LEU A 470 11.19 1.63 4.87
C LEU A 470 10.49 2.59 5.81
N HIS A 471 9.18 2.48 5.91
CA HIS A 471 8.44 3.50 6.61
C HIS A 471 7.08 3.02 7.05
N CYS A 472 6.51 3.77 7.99
CA CYS A 472 5.13 3.59 8.33
C CYS A 472 4.27 4.08 7.15
N HIS A 473 3.29 3.26 6.75
CA HIS A 473 2.44 3.58 5.58
C HIS A 473 1.20 4.40 5.93
N ILE A 474 1.11 4.86 7.17
CA ILE A 474 0.16 5.90 7.53
C ILE A 474 0.79 7.19 6.98
N ASP A 475 0.17 7.78 5.97
CA ASP A 475 0.88 8.77 5.18
C ASP A 475 1.22 10.02 5.99
N PHE A 476 0.35 10.34 6.94
CA PHE A 476 0.59 11.51 7.82
C PHE A 476 1.82 11.31 8.68
N HIS A 477 2.10 10.06 9.03
CA HIS A 477 3.29 9.74 9.83
C HIS A 477 4.56 9.71 8.96
N LEU A 478 4.47 9.11 7.79
CA LEU A 478 5.55 9.19 6.84
C LEU A 478 5.96 10.66 6.61
N ASP A 479 4.96 11.51 6.36
CA ASP A 479 5.25 12.93 6.06
C ASP A 479 5.86 13.66 7.27
N ALA A 480 5.56 13.20 8.49
CA ALA A 480 6.13 13.69 9.73
C ALA A 480 7.45 12.99 10.10
N GLY A 481 8.01 12.21 9.15
CA GLY A 481 9.35 11.73 9.22
C GLY A 481 9.54 10.30 9.65
N PHE A 482 8.49 9.50 9.71
CA PHE A 482 8.58 8.12 10.25
C PHE A 482 9.08 7.16 9.19
N ALA A 483 10.36 7.28 8.85
CA ALA A 483 10.95 6.55 7.73
C ALA A 483 12.48 6.50 7.84
N VAL A 484 13.06 5.47 7.23
CA VAL A 484 14.49 5.37 6.99
C VAL A 484 14.68 4.82 5.57
N VAL A 485 15.91 4.84 5.10
CA VAL A 485 16.23 4.30 3.76
C VAL A 485 17.21 3.17 3.95
N MET A 486 16.91 2.01 3.37
CA MET A 486 17.78 0.86 3.39
C MET A 486 18.56 0.88 2.06
N ALA A 487 19.80 1.36 2.11
CA ALA A 487 20.68 1.43 0.93
C ALA A 487 21.47 0.14 0.75
N GLU A 488 20.97 -0.69 -0.12
CA GLU A 488 21.45 -2.04 -0.25
C GLU A 488 22.42 -2.11 -1.42
N ASP A 489 23.56 -2.75 -1.18
CA ASP A 489 24.59 -2.96 -2.20
C ASP A 489 24.96 -1.64 -2.94
N THR A 490 25.41 -0.66 -2.16
CA THR A 490 25.80 0.61 -2.73
C THR A 490 26.92 0.50 -3.80
N PRO A 491 27.90 -0.40 -3.61
CA PRO A 491 28.94 -0.52 -4.65
C PRO A 491 28.46 -0.95 -6.08
N ASP A 492 27.40 -1.79 -6.17
CA ASP A 492 26.90 -2.21 -7.48
CA ASP A 492 26.86 -2.25 -7.48
C ASP A 492 25.63 -1.44 -7.92
N THR A 493 25.20 -0.47 -7.12
CA THR A 493 23.95 0.26 -7.41
C THR A 493 23.93 0.97 -8.77
N THR A 494 25.02 1.66 -9.13
CA THR A 494 25.05 2.42 -10.40
C THR A 494 25.04 1.47 -11.60
N ALA A 495 25.83 0.41 -11.52
CA ALA A 495 25.88 -0.55 -12.59
C ALA A 495 24.58 -1.33 -12.74
N ALA A 496 23.93 -1.66 -11.63
CA ALA A 496 22.73 -2.46 -11.63
C ALA A 496 21.47 -1.69 -12.08
N ASN A 497 21.46 -0.36 -11.92
CA ASN A 497 20.31 0.47 -12.21
C ASN A 497 20.66 1.60 -13.22
N PRO A 498 21.01 1.24 -14.46
CA PRO A 498 21.22 2.32 -15.45
C PRO A 498 19.93 3.15 -15.57
N VAL A 499 20.10 4.47 -15.56
CA VAL A 499 18.97 5.39 -15.54
C VAL A 499 18.75 5.96 -16.93
N PRO A 500 17.50 6.23 -17.29
CA PRO A 500 17.23 6.96 -18.54
C PRO A 500 17.48 8.45 -18.43
N GLN A 501 17.74 9.09 -19.57
CA GLN A 501 17.97 10.52 -19.57
C GLN A 501 16.79 11.29 -18.97
N ALA A 502 15.59 10.82 -19.23
CA ALA A 502 14.39 11.46 -18.70
C ALA A 502 14.42 11.56 -17.17
N TRP A 503 15.03 10.57 -16.52
CA TRP A 503 15.21 10.57 -15.07
C TRP A 503 16.26 11.56 -14.65
N SER A 504 17.40 11.56 -15.36
CA SER A 504 18.42 12.59 -15.12
C SER A 504 17.85 14.01 -15.24
N ASP A 505 16.93 14.21 -16.19
CA ASP A 505 16.34 15.51 -16.42
C ASP A 505 15.37 15.99 -15.34
N LEU A 506 14.87 15.09 -14.47
CA LEU A 506 13.84 15.49 -13.51
C LEU A 506 14.33 16.52 -12.52
N CYS A 507 15.51 16.31 -11.95
CA CYS A 507 16.00 17.23 -10.92
C CYS A 507 16.21 18.67 -11.40
N PRO A 508 16.85 18.88 -12.58
CA PRO A 508 16.98 20.26 -13.07
C PRO A 508 15.61 20.92 -13.31
N ILE A 509 14.63 20.19 -13.85
CA ILE A 509 13.31 20.74 -14.02
C ILE A 509 12.72 21.14 -12.66
N TYR A 510 12.82 20.24 -11.68
CA TYR A 510 12.18 20.46 -10.37
C TYR A 510 12.85 21.58 -9.64
N ASP A 511 14.19 21.56 -9.63
CA ASP A 511 14.99 22.58 -8.94
C ASP A 511 14.78 24.00 -9.52
N ALA A 512 14.33 24.12 -10.77
CA ALA A 512 14.04 25.43 -11.37
C ALA A 512 12.68 25.99 -10.98
N LEU A 513 11.81 25.21 -10.34
CA LEU A 513 10.44 25.65 -10.15
C LEU A 513 10.39 26.75 -9.10
N ASP A 514 9.46 27.69 -9.28
CA ASP A 514 9.11 28.62 -8.21
C ASP A 514 8.43 27.83 -7.06
N PRO A 515 8.67 28.18 -5.79
CA PRO A 515 7.93 27.57 -4.67
C PRO A 515 6.40 27.50 -4.85
N SER A 516 5.81 28.47 -5.53
CA SER A 516 4.41 28.47 -5.78
C SER A 516 3.96 27.43 -6.81
N ASP A 517 4.87 26.82 -7.57
CA ASP A 517 4.53 25.79 -8.55
C ASP A 517 4.86 24.35 -8.10
N LEU A 518 5.24 24.20 -6.83
CA LEU A 518 5.38 22.85 -6.29
C LEU A 518 4.02 22.11 -6.15
#